data_6E0R
#
_entry.id   6E0R
#
_cell.length_a   51.664
_cell.length_b   57.277
_cell.length_c   102.829
_cell.angle_alpha   90.00
_cell.angle_beta   90.00
_cell.angle_gamma   90.00
#
_symmetry.space_group_name_H-M   'P 21 21 21'
#
loop_
_entity.id
_entity.type
_entity.pdbx_description
1 polymer 'ALK tyrosine kinase receptor'
2 non-polymer N-[(1S)-1-(5-fluoropyridin-2-yl)ethyl]-1-(5-methyl-1H-pyrazol-3-yl)-3-[(oxetan-3-yl)sulfonyl]-1H-pyrrolo[2,3-b]pyridin-6-amine
3 water water
#
_entity_poly.entity_id   1
_entity_poly.type   'polypeptide(L)'
_entity_poly.pdbx_seq_one_letter_code
;GAMGSTDYNPNYCFAGKTSSISDLKEVPRKNITLIRGLGHGAFGEVYEGQVSGMPNDPSPLQVAVKTLPEVCSEQDELDF
LMEALIISKFNHQNIVRCIGVSLQSLPRFILLELMAGGDLKSFLRETRPRPSQPSSLAMLDLLHVARDIACGCQYLEENH
FIHRDIAARNCLLTCPGPGRVAKIGDFGMARDIYRASYYRKGGCAMLPVKWMPPEAFMEGIFTSKTDTWSFGVLLWEIFS
LGYMPYPSKSNQEVLEFVTSGGRMDPPKNCPGPVYRIMTQCWQHQPEDRPNFAIILERIEYCTQDPDVINTALPIEYGPL
VE
;
_entity_poly.pdbx_strand_id   A
#
# COMPACT_ATOMS: atom_id res chain seq x y z
N ALA A 15 -16.97 -1.89 14.05
CA ALA A 15 -15.88 -0.98 13.72
C ALA A 15 -15.85 -0.65 12.23
N GLY A 16 -17.03 -0.33 11.69
CA GLY A 16 -17.16 0.14 10.32
C GLY A 16 -17.31 1.64 10.38
N LYS A 17 -18.36 2.21 9.82
CA LYS A 17 -18.48 3.66 9.77
C LYS A 17 -19.58 4.03 10.76
N THR A 18 -19.27 3.80 12.03
CA THR A 18 -20.11 4.10 13.17
C THR A 18 -19.67 5.42 13.77
N SER A 19 -19.20 6.32 12.91
CA SER A 19 -18.73 7.64 13.28
C SER A 19 -19.06 8.67 12.22
N SER A 20 -18.88 9.94 12.62
CA SER A 20 -19.11 11.07 11.77
C SER A 20 -18.00 12.08 12.02
N ILE A 21 -18.01 13.13 11.22
CA ILE A 21 -17.06 14.25 11.30
C ILE A 21 -16.77 14.70 12.72
N SER A 22 -17.79 14.69 13.58
CA SER A 22 -17.65 15.24 14.92
C SER A 22 -16.62 14.48 15.78
N ASP A 23 -16.39 13.21 15.47
CA ASP A 23 -15.44 12.37 16.20
C ASP A 23 -13.98 12.62 15.82
N LEU A 24 -13.72 13.34 14.74
CA LEU A 24 -12.36 13.64 14.31
C LEU A 24 -11.70 14.67 15.22
N LYS A 25 -10.39 14.49 15.45
CA LYS A 25 -9.64 15.43 16.27
C LYS A 25 -9.35 16.69 15.46
N GLU A 26 -10.03 17.78 15.78
CA GLU A 26 -9.74 19.08 15.16
C GLU A 26 -8.53 19.74 15.81
N VAL A 27 -7.46 19.91 15.05
CA VAL A 27 -6.28 20.62 15.53
C VAL A 27 -6.41 22.09 15.12
N PRO A 28 -6.32 23.03 16.05
CA PRO A 28 -6.43 24.45 15.69
C PRO A 28 -5.40 24.82 14.63
N ARG A 29 -5.86 25.57 13.63
CA ARG A 29 -5.01 25.88 12.47
C ARG A 29 -3.73 26.63 12.85
N LYS A 30 -3.78 27.49 13.86
CA LYS A 30 -2.57 28.24 14.21
C LYS A 30 -1.47 27.37 14.80
N ASN A 31 -1.78 26.13 15.16
CA ASN A 31 -0.83 25.18 15.71
C ASN A 31 -0.14 24.30 14.67
N ILE A 32 -0.51 24.46 13.40
CA ILE A 32 -0.03 23.68 12.27
C ILE A 32 0.89 24.52 11.40
N THR A 33 2.07 23.96 11.10
CA THR A 33 3.00 24.63 10.22
C THR A 33 3.29 23.81 8.96
N LEU A 34 3.16 24.44 7.79
CA LEU A 34 3.54 23.75 6.56
C LEU A 34 4.98 24.07 6.22
N ILE A 35 5.77 23.04 5.97
CA ILE A 35 7.18 23.26 5.67
C ILE A 35 7.42 23.15 4.17
N ARG A 36 7.59 21.91 3.72
CA ARG A 36 7.99 21.57 2.36
C ARG A 36 7.02 20.56 1.74
N GLY A 37 6.88 20.65 0.42
CA GLY A 37 6.05 19.72 -0.32
C GLY A 37 6.73 18.37 -0.54
N LEU A 38 5.94 17.31 -0.44
CA LEU A 38 6.44 15.94 -0.57
C LEU A 38 5.97 15.23 -1.84
N GLY A 39 4.73 15.45 -2.26
CA GLY A 39 4.24 14.85 -3.48
C GLY A 39 2.82 15.26 -3.76
N HIS A 40 2.16 14.52 -4.65
CA HIS A 40 0.80 14.85 -5.06
C HIS A 40 0.00 13.57 -5.25
N GLY A 41 -1.32 13.73 -5.33
CA GLY A 41 -2.22 12.62 -5.55
C GLY A 41 -3.08 12.28 -4.35
N VAL A 46 0.36 17.01 -0.71
CA VAL A 46 0.77 16.54 0.61
C VAL A 46 2.10 17.24 0.98
N TYR A 47 2.11 17.79 2.19
CA TYR A 47 3.22 18.56 2.73
C TYR A 47 3.81 17.90 3.97
N GLU A 48 5.11 18.08 4.18
CA GLU A 48 5.67 17.83 5.50
C GLU A 48 5.23 19.00 6.40
N GLY A 49 4.79 18.67 7.62
CA GLY A 49 4.30 19.70 8.51
C GLY A 49 4.76 19.55 9.95
N GLN A 50 4.35 20.54 10.76
CA GLN A 50 4.67 20.64 12.18
C GLN A 50 3.45 21.04 12.99
N VAL A 51 3.23 20.34 14.11
CA VAL A 51 2.13 20.63 15.03
C VAL A 51 2.74 21.04 16.37
N SER A 52 2.36 22.22 16.86
CA SER A 52 2.91 22.76 18.10
C SER A 52 1.98 22.51 19.29
N PRO A 60 8.52 20.13 18.73
CA PRO A 60 7.16 19.67 19.09
C PRO A 60 6.82 18.33 18.42
N LEU A 61 6.25 18.38 17.21
CA LEU A 61 5.79 17.17 16.55
C LEU A 61 5.69 17.34 15.04
N GLN A 62 6.36 16.43 14.34
CA GLN A 62 6.40 16.31 12.89
C GLN A 62 5.25 15.50 12.31
N VAL A 63 4.60 16.04 11.28
CA VAL A 63 3.43 15.39 10.69
C VAL A 63 3.55 15.48 9.18
N ALA A 64 2.74 14.69 8.51
CA ALA A 64 2.44 14.93 7.11
C ALA A 64 1.06 15.56 7.04
N VAL A 65 0.90 16.49 6.12
CA VAL A 65 -0.36 17.20 5.95
C VAL A 65 -0.82 16.89 4.54
N LYS A 66 -1.94 16.20 4.44
CA LYS A 66 -2.55 16.00 3.14
C LYS A 66 -3.58 17.11 3.02
N THR A 67 -3.54 17.83 1.91
CA THR A 67 -4.38 18.98 1.72
C THR A 67 -5.46 18.71 0.69
N LEU A 68 -6.56 19.41 0.88
CA LEU A 68 -7.61 19.40 -0.10
C LEU A 68 -7.47 20.75 -0.78
N PRO A 69 -7.26 20.78 -2.08
CA PRO A 69 -7.19 22.05 -2.78
C PRO A 69 -8.44 22.87 -2.53
N GLU A 70 -8.24 24.16 -2.29
CA GLU A 70 -9.35 25.05 -1.99
C GLU A 70 -10.21 25.13 -3.24
N VAL A 71 -9.56 24.98 -4.40
CA VAL A 71 -10.27 24.88 -5.67
C VAL A 71 -10.75 23.43 -5.85
N CYS A 72 -12.01 23.17 -5.47
CA CYS A 72 -12.54 21.83 -5.68
C CYS A 72 -14.06 21.84 -5.62
N SER A 73 -14.63 20.79 -6.22
CA SER A 73 -16.08 20.56 -6.26
C SER A 73 -16.58 20.07 -4.91
N GLU A 74 -17.91 20.07 -4.74
CA GLU A 74 -18.52 19.51 -3.54
C GLU A 74 -18.32 18.00 -3.41
N GLN A 75 -18.28 17.27 -4.53
CA GLN A 75 -17.98 15.83 -4.47
C GLN A 75 -16.58 15.62 -3.90
N ASP A 76 -15.60 16.36 -4.40
CA ASP A 76 -14.24 16.29 -3.86
C ASP A 76 -14.27 16.48 -2.35
N GLU A 77 -15.04 17.45 -1.87
CA GLU A 77 -15.07 17.76 -0.45
C GLU A 77 -15.53 16.58 0.39
N LEU A 78 -16.59 15.90 -0.03
CA LEU A 78 -17.01 14.71 0.72
C LEU A 78 -15.97 13.60 0.60
N ASP A 79 -15.36 13.44 -0.59
CA ASP A 79 -14.28 12.48 -0.74
C ASP A 79 -13.16 12.72 0.26
N PHE A 80 -12.73 13.97 0.40
CA PHE A 80 -11.70 14.32 1.37
C PHE A 80 -12.12 13.99 2.78
N LEU A 81 -13.29 14.51 3.17
CA LEU A 81 -13.84 14.26 4.48
C LEU A 81 -13.93 12.77 4.81
N MET A 82 -14.50 11.98 3.88
CA MET A 82 -14.66 10.54 4.14
C MET A 82 -13.32 9.83 4.32
N GLU A 83 -12.30 10.21 3.56
CA GLU A 83 -10.99 9.57 3.69
C GLU A 83 -10.43 9.83 5.08
N ALA A 84 -10.55 11.07 5.55
CA ALA A 84 -10.16 11.40 6.93
C ALA A 84 -10.88 10.53 7.95
N LEU A 85 -12.20 10.36 7.81
CA LEU A 85 -12.93 9.54 8.77
C LEU A 85 -12.39 8.12 8.83
N ILE A 86 -12.27 7.45 7.68
CA ILE A 86 -11.84 6.06 7.67
C ILE A 86 -10.43 5.93 8.26
N ILE A 87 -9.48 6.76 7.81
CA ILE A 87 -8.11 6.68 8.31
CA ILE A 87 -8.11 6.66 8.31
C ILE A 87 -8.06 6.98 9.80
N SER A 88 -8.97 7.82 10.28
CA SER A 88 -8.98 8.11 11.70
C SER A 88 -9.42 6.90 12.51
N LYS A 89 -10.21 6.02 11.90
CA LYS A 89 -10.79 4.93 12.66
C LYS A 89 -9.90 3.69 12.71
N PHE A 90 -8.84 3.60 11.89
CA PHE A 90 -7.96 2.43 11.96
C PHE A 90 -7.01 2.57 13.14
N ASN A 91 -6.74 1.45 13.80
CA ASN A 91 -5.72 1.34 14.85
C ASN A 91 -4.87 0.10 14.60
N HIS A 92 -3.80 0.24 13.82
CA HIS A 92 -2.94 -0.89 13.48
C HIS A 92 -1.55 -0.36 13.11
N GLN A 93 -0.53 -1.08 13.57
CA GLN A 93 0.85 -0.63 13.41
C GLN A 93 1.34 -0.62 11.98
N ASN A 94 0.67 -1.34 11.07
CA ASN A 94 1.03 -1.32 9.66
C ASN A 94 0.09 -0.46 8.84
N ILE A 95 -0.58 0.50 9.47
CA ILE A 95 -1.39 1.51 8.80
C ILE A 95 -1.02 2.88 9.35
N VAL A 96 -0.68 3.80 8.45
CA VAL A 96 -0.28 5.13 8.87
C VAL A 96 -1.32 5.75 9.79
N ARG A 97 -0.85 6.38 10.86
CA ARG A 97 -1.71 6.94 11.87
C ARG A 97 -2.28 8.26 11.39
N CYS A 98 -3.49 8.55 11.82
CA CYS A 98 -4.02 9.89 11.67
C CYS A 98 -3.82 10.63 12.97
N ILE A 99 -3.06 11.72 12.89
CA ILE A 99 -2.76 12.54 14.05
C ILE A 99 -3.96 13.39 14.39
N GLY A 100 -4.65 13.87 13.37
CA GLY A 100 -5.75 14.78 13.59
C GLY A 100 -6.18 15.41 12.29
N VAL A 101 -6.98 16.46 12.44
CA VAL A 101 -7.58 17.13 11.31
C VAL A 101 -7.59 18.63 11.55
N SER A 102 -7.62 19.41 10.45
CA SER A 102 -7.98 20.82 10.51
C SER A 102 -9.01 20.98 9.39
N LEU A 103 -10.29 20.66 9.68
CA LEU A 103 -11.28 20.68 8.61
C LEU A 103 -12.07 21.98 8.55
N GLN A 104 -12.02 22.76 9.62
CA GLN A 104 -12.80 23.98 9.81
C GLN A 104 -12.08 25.20 9.27
N SER A 105 -10.85 25.04 8.79
CA SER A 105 -10.13 26.11 8.13
C SER A 105 -9.76 25.61 6.73
N LEU A 106 -9.57 26.56 5.80
CA LEU A 106 -9.22 26.24 4.43
C LEU A 106 -7.81 26.66 4.06
N PRO A 107 -7.09 25.82 3.29
CA PRO A 107 -7.60 24.52 2.82
C PRO A 107 -7.67 23.48 3.95
N ARG A 108 -8.60 22.52 3.85
CA ARG A 108 -8.72 21.50 4.88
C ARG A 108 -7.53 20.56 4.87
N PHE A 109 -7.19 20.08 6.06
CA PHE A 109 -6.01 19.26 6.32
C PHE A 109 -6.42 17.94 6.96
N ILE A 110 -5.73 16.88 6.56
CA ILE A 110 -5.70 15.66 7.34
C ILE A 110 -4.25 15.53 7.79
N LEU A 111 -4.04 15.38 9.10
CA LEU A 111 -2.68 15.30 9.60
C LEU A 111 -2.31 13.84 9.85
N LEU A 112 -1.22 13.38 9.22
CA LEU A 112 -0.93 11.96 9.25
C LEU A 112 0.52 11.77 9.70
N GLU A 113 0.80 10.60 10.26
CA GLU A 113 2.14 10.17 10.61
C GLU A 113 3.16 10.35 9.49
N LEU A 114 4.26 11.06 9.79
CA LEU A 114 5.36 11.30 8.85
C LEU A 114 6.19 10.03 8.74
N MET A 115 6.45 9.59 7.51
CA MET A 115 7.14 8.33 7.16
C MET A 115 8.41 8.62 6.38
N ALA A 116 9.50 8.87 7.11
CA ALA A 116 10.78 9.30 6.54
C ALA A 116 11.33 8.35 5.48
N GLY A 117 10.94 7.08 5.50
CA GLY A 117 11.43 6.19 4.45
C GLY A 117 10.77 6.38 3.09
N GLY A 118 9.68 7.14 3.05
CA GLY A 118 9.00 7.47 1.81
C GLY A 118 8.17 6.33 1.25
N ASP A 119 7.73 6.50 0.02
CA ASP A 119 6.92 5.48 -0.63
C ASP A 119 7.74 4.26 -1.02
N LEU A 120 7.09 3.10 -0.92
CA LEU A 120 7.73 1.82 -1.17
C LEU A 120 8.29 1.71 -2.59
N LYS A 121 7.58 2.25 -3.59
CA LYS A 121 8.11 2.22 -4.96
C LYS A 121 9.44 2.93 -5.10
N SER A 122 9.52 4.18 -4.66
CA SER A 122 10.79 4.89 -4.75
C SER A 122 11.89 4.24 -3.93
N PHE A 123 11.55 3.70 -2.75
CA PHE A 123 12.57 3.09 -1.91
C PHE A 123 13.26 1.92 -2.62
N LEU A 124 12.47 1.01 -3.19
CA LEU A 124 13.02 -0.14 -3.91
C LEU A 124 13.88 0.28 -5.08
N ARG A 125 13.39 1.22 -5.89
CA ARG A 125 14.15 1.69 -7.04
C ARG A 125 15.47 2.31 -6.61
N GLU A 126 15.48 3.07 -5.51
CA GLU A 126 16.68 3.78 -5.08
C GLU A 126 17.61 2.91 -4.24
N THR A 127 17.12 1.83 -3.65
CA THR A 127 17.97 0.97 -2.84
C THR A 127 18.34 -0.31 -3.57
N ARG A 128 18.10 -0.36 -4.87
CA ARG A 128 18.53 -1.48 -5.69
C ARG A 128 20.03 -1.62 -5.49
N PRO A 129 20.53 -2.78 -5.06
CA PRO A 129 21.99 -2.99 -5.05
C PRO A 129 22.66 -2.50 -6.33
N ARG A 130 23.76 -1.79 -6.17
CA ARG A 130 24.53 -1.25 -7.27
C ARG A 130 26.00 -1.48 -6.98
N PRO A 131 26.88 -1.37 -7.99
CA PRO A 131 28.29 -1.70 -7.76
C PRO A 131 28.92 -0.96 -6.61
N SER A 132 28.64 0.34 -6.48
CA SER A 132 29.15 1.13 -5.37
C SER A 132 28.58 0.70 -4.02
N GLN A 133 27.26 0.55 -3.92
CA GLN A 133 26.63 0.12 -2.67
C GLN A 133 25.91 -1.22 -2.71
N PRO A 134 26.63 -2.34 -2.61
CA PRO A 134 26.01 -3.65 -2.82
C PRO A 134 25.52 -4.08 -1.45
N SER A 135 24.73 -5.14 -1.43
CA SER A 135 24.22 -5.70 -0.18
C SER A 135 23.57 -4.60 0.63
N SER A 136 23.19 -3.52 -0.05
CA SER A 136 22.29 -2.51 0.47
C SER A 136 21.03 -3.11 0.99
N LEU A 137 20.34 -3.92 0.17
CA LEU A 137 19.12 -4.58 0.62
C LEU A 137 19.36 -6.09 0.56
N ALA A 138 18.67 -6.86 1.39
CA ALA A 138 18.77 -8.30 1.31
C ALA A 138 17.37 -8.89 1.18
N MET A 139 17.30 -10.15 0.74
CA MET A 139 16.02 -10.84 0.59
C MET A 139 15.16 -10.74 1.85
N LEU A 140 15.77 -11.02 3.02
CA LEU A 140 15.04 -10.93 4.29
C LEU A 140 14.40 -9.57 4.50
N ASP A 141 15.07 -8.49 4.06
CA ASP A 141 14.49 -7.16 4.17
C ASP A 141 13.22 -7.04 3.33
N LEU A 142 13.22 -7.66 2.16
CA LEU A 142 12.04 -7.69 1.29
C LEU A 142 10.93 -8.50 1.94
N LEU A 143 11.28 -9.63 2.55
CA LEU A 143 10.29 -10.46 3.23
C LEU A 143 9.61 -9.70 4.36
N HIS A 144 10.39 -8.95 5.14
CA HIS A 144 9.84 -8.14 6.21
C HIS A 144 8.86 -7.08 5.73
N VAL A 145 9.19 -6.39 4.63
CA VAL A 145 8.23 -5.45 4.03
C VAL A 145 6.95 -6.17 3.62
N ALA A 146 7.09 -7.36 3.03
CA ALA A 146 5.92 -8.12 2.59
C ALA A 146 5.07 -8.52 3.78
N ARG A 147 5.73 -9.02 4.83
CA ARG A 147 5.05 -9.34 6.09
C ARG A 147 4.33 -8.13 6.66
N ASP A 148 5.04 -6.99 6.75
CA ASP A 148 4.43 -5.77 7.28
C ASP A 148 3.13 -5.44 6.56
N ILE A 149 3.19 -5.38 5.23
CA ILE A 149 1.99 -5.01 4.47
C ILE A 149 0.93 -6.11 4.55
N ALA A 150 1.34 -7.38 4.46
CA ALA A 150 0.41 -8.48 4.69
C ALA A 150 -0.27 -8.37 6.05
N CYS A 151 0.48 -7.96 7.07
CA CYS A 151 -0.09 -7.80 8.40
C CYS A 151 -1.17 -6.72 8.42
N GLY A 152 -0.90 -5.60 7.75
CA GLY A 152 -1.91 -4.56 7.62
C GLY A 152 -3.13 -5.02 6.84
N CYS A 153 -2.92 -5.80 5.79
CA CYS A 153 -4.04 -6.31 5.01
C CYS A 153 -4.86 -7.31 5.80
N GLN A 154 -4.22 -8.11 6.66
CA GLN A 154 -4.98 -9.02 7.53
CA GLN A 154 -5.00 -9.02 7.51
C GLN A 154 -5.89 -8.25 8.46
N TYR A 155 -5.43 -7.09 8.93
CA TYR A 155 -6.23 -6.25 9.81
C TYR A 155 -7.43 -5.66 9.06
N LEU A 156 -7.19 -5.13 7.85
CA LEU A 156 -8.28 -4.65 7.00
C LEU A 156 -9.32 -5.75 6.74
N GLU A 157 -8.86 -6.93 6.32
CA GLU A 157 -9.76 -8.05 6.06
C GLU A 157 -10.52 -8.43 7.32
N GLU A 158 -9.82 -8.50 8.46
CA GLU A 158 -10.49 -8.88 9.71
C GLU A 158 -11.54 -7.86 10.10
N ASN A 159 -11.40 -6.61 9.67
CA ASN A 159 -12.36 -5.56 9.95
C ASN A 159 -13.26 -5.29 8.74
N HIS A 160 -13.25 -6.19 7.75
CA HIS A 160 -14.19 -6.14 6.62
C HIS A 160 -14.05 -4.86 5.80
N PHE A 161 -12.81 -4.42 5.60
CA PHE A 161 -12.51 -3.24 4.79
C PHE A 161 -11.72 -3.68 3.57
N ILE A 162 -12.19 -3.29 2.40
CA ILE A 162 -11.53 -3.66 1.16
C ILE A 162 -10.82 -2.44 0.63
N HIS A 163 -9.51 -2.55 0.45
CA HIS A 163 -8.66 -1.44 0.06
C HIS A 163 -8.82 -1.07 -1.42
N ARG A 164 -8.86 -2.05 -2.31
CA ARG A 164 -9.08 -1.86 -3.75
C ARG A 164 -7.88 -1.32 -4.49
N ASP A 165 -6.79 -0.99 -3.82
CA ASP A 165 -5.67 -0.40 -4.52
C ASP A 165 -4.37 -0.72 -3.80
N ILE A 166 -4.20 -1.98 -3.41
CA ILE A 166 -2.94 -2.38 -2.81
C ILE A 166 -1.88 -2.33 -3.89
N ALA A 167 -0.82 -1.57 -3.64
CA ALA A 167 0.23 -1.33 -4.62
C ALA A 167 1.38 -0.62 -3.92
N ALA A 168 2.59 -0.84 -4.44
CA ALA A 168 3.78 -0.27 -3.83
C ALA A 168 3.70 1.25 -3.70
N ARG A 169 3.16 1.93 -4.71
CA ARG A 169 2.99 3.38 -4.65
C ARG A 169 2.12 3.86 -3.49
N ASN A 170 1.33 2.98 -2.88
CA ASN A 170 0.46 3.33 -1.77
C ASN A 170 0.98 2.86 -0.42
N CYS A 171 2.18 2.28 -0.37
CA CYS A 171 2.86 1.93 0.86
C CYS A 171 4.00 2.87 1.19
N LEU A 172 4.24 3.04 2.48
CA LEU A 172 5.24 3.96 3.01
C LEU A 172 6.13 3.21 3.99
N LEU A 173 7.34 3.73 4.16
CA LEU A 173 8.32 3.16 5.10
C LEU A 173 8.66 4.19 6.17
N THR A 174 8.76 3.72 7.43
CA THR A 174 9.05 4.63 8.53
C THR A 174 10.42 5.28 8.40
N CYS A 175 11.42 4.53 7.96
CA CYS A 175 12.77 5.06 7.78
C CYS A 175 13.48 4.25 6.70
N PRO A 176 14.60 4.77 6.19
CA PRO A 176 15.36 3.98 5.19
C PRO A 176 16.11 2.77 5.73
N GLY A 177 16.80 2.87 6.86
CA GLY A 177 17.72 1.82 7.23
C GLY A 177 17.09 0.63 7.91
N PRO A 178 17.93 -0.22 8.53
CA PRO A 178 17.38 -1.36 9.28
C PRO A 178 16.36 -0.88 10.29
N GLY A 179 15.36 -1.72 10.55
CA GLY A 179 14.34 -1.35 11.50
C GLY A 179 13.18 -0.61 10.86
N ARG A 180 13.24 -0.39 9.55
CA ARG A 180 12.15 0.22 8.82
C ARG A 180 10.88 -0.61 9.01
N VAL A 181 9.75 0.08 9.11
CA VAL A 181 8.44 -0.57 9.11
C VAL A 181 7.66 -0.06 7.90
N ALA A 182 7.05 -0.99 7.17
CA ALA A 182 6.20 -0.67 6.04
C ALA A 182 4.76 -0.55 6.49
N LYS A 183 4.07 0.48 6.01
CA LYS A 183 2.67 0.68 6.37
C LYS A 183 1.86 1.08 5.15
N ILE A 184 0.58 0.69 5.15
CA ILE A 184 -0.33 1.19 4.12
C ILE A 184 -0.60 2.66 4.42
N GLY A 185 -0.37 3.52 3.43
CA GLY A 185 -0.46 4.95 3.72
C GLY A 185 -1.37 5.80 2.87
N ASP A 186 -2.15 5.20 1.98
CA ASP A 186 -3.07 5.95 1.14
C ASP A 186 -4.31 5.09 0.90
N PHE A 187 -5.48 5.73 0.93
CA PHE A 187 -6.76 5.03 0.76
C PHE A 187 -7.65 5.69 -0.30
N GLY A 188 -7.06 6.42 -1.24
CA GLY A 188 -7.86 7.12 -2.27
C GLY A 188 -8.84 6.28 -3.08
N MET A 189 -8.40 5.11 -3.58
CA MET A 189 -9.36 4.33 -4.40
C MET A 189 -10.50 3.74 -3.58
N ALA A 190 -10.21 3.17 -2.42
CA ALA A 190 -11.29 2.62 -1.61
C ALA A 190 -12.29 3.71 -1.26
N ARG A 191 -11.80 4.92 -1.05
CA ARG A 191 -12.65 6.07 -0.79
C ARG A 191 -13.51 6.45 -2.00
N ASP A 192 -12.95 6.36 -3.22
CA ASP A 192 -13.72 6.69 -4.43
C ASP A 192 -14.95 5.82 -4.65
N ILE A 193 -14.85 4.50 -4.46
CA ILE A 193 -16.06 3.70 -4.65
C ILE A 193 -16.52 3.28 -3.26
N TYR A 194 -17.15 4.23 -2.59
CA TYR A 194 -17.76 4.13 -1.27
C TYR A 194 -19.04 4.94 -1.20
N MET A 206 -7.18 6.38 -14.19
CA MET A 206 -8.39 5.60 -13.92
C MET A 206 -8.13 4.31 -13.13
N LEU A 207 -8.81 3.24 -13.52
CA LEU A 207 -8.69 1.97 -12.82
C LEU A 207 -7.28 1.38 -12.88
N PRO A 208 -6.73 0.88 -11.74
CA PRO A 208 -5.41 0.22 -11.70
C PRO A 208 -5.47 -1.21 -12.20
N VAL A 209 -5.86 -1.40 -13.46
CA VAL A 209 -6.04 -2.72 -14.08
C VAL A 209 -4.90 -3.68 -13.74
N LYS A 210 -3.65 -3.22 -13.74
CA LYS A 210 -2.55 -4.17 -13.60
C LYS A 210 -2.49 -4.77 -12.20
N TRP A 211 -3.25 -4.25 -11.24
CA TRP A 211 -3.33 -4.79 -9.89
C TRP A 211 -4.66 -5.44 -9.56
N MET A 212 -5.56 -5.59 -10.54
CA MET A 212 -6.92 -6.06 -10.28
C MET A 212 -7.15 -7.47 -10.81
N PRO A 213 -7.76 -8.33 -10.00
CA PRO A 213 -8.13 -9.68 -10.46
C PRO A 213 -9.25 -9.64 -11.47
N PRO A 214 -9.44 -10.73 -12.22
CA PRO A 214 -10.50 -10.77 -13.24
C PRO A 214 -11.85 -10.33 -12.76
N GLU A 215 -12.29 -10.81 -11.60
CA GLU A 215 -13.63 -10.49 -11.14
C GLU A 215 -13.79 -9.01 -10.81
N ALA A 216 -12.71 -8.32 -10.44
CA ALA A 216 -12.82 -6.88 -10.22
C ALA A 216 -13.06 -6.11 -11.53
N PHE A 217 -12.13 -6.21 -12.49
CA PHE A 217 -12.23 -5.40 -13.71
C PHE A 217 -13.28 -5.89 -14.70
N MET A 218 -13.72 -7.14 -14.60
CA MET A 218 -14.77 -7.60 -15.49
C MET A 218 -16.14 -7.30 -14.91
N GLU A 219 -16.31 -7.49 -13.60
CA GLU A 219 -17.63 -7.40 -13.00
C GLU A 219 -17.80 -6.26 -12.00
N GLY A 220 -16.72 -5.60 -11.59
CA GLY A 220 -16.81 -4.62 -10.52
C GLY A 220 -17.20 -5.30 -9.23
N ILE A 221 -16.78 -6.55 -9.08
CA ILE A 221 -16.94 -7.32 -7.85
C ILE A 221 -15.71 -7.15 -7.00
N PHE A 222 -15.91 -6.69 -5.78
CA PHE A 222 -14.79 -6.50 -4.86
C PHE A 222 -15.09 -7.27 -3.59
N THR A 223 -14.05 -7.95 -3.08
CA THR A 223 -14.12 -8.75 -1.87
C THR A 223 -12.74 -8.69 -1.23
N SER A 224 -12.59 -9.37 -0.09
CA SER A 224 -11.26 -9.46 0.50
C SER A 224 -10.29 -10.22 -0.40
N LYS A 225 -10.79 -11.09 -1.26
CA LYS A 225 -9.96 -11.80 -2.22
C LYS A 225 -9.44 -10.94 -3.37
N THR A 226 -10.05 -9.79 -3.63
CA THR A 226 -9.47 -8.88 -4.62
C THR A 226 -8.22 -8.18 -4.09
N ASP A 227 -8.22 -7.87 -2.80
CA ASP A 227 -7.00 -7.39 -2.16
C ASP A 227 -5.91 -8.46 -2.16
N THR A 228 -6.28 -9.72 -1.95
CA THR A 228 -5.31 -10.81 -2.04
C THR A 228 -4.59 -10.83 -3.37
N TRP A 229 -5.34 -10.76 -4.48
CA TRP A 229 -4.71 -10.64 -5.80
C TRP A 229 -3.76 -9.45 -5.88
N SER A 230 -4.24 -8.26 -5.49
CA SER A 230 -3.38 -7.08 -5.47
C SER A 230 -2.12 -7.31 -4.63
N PHE A 231 -2.24 -7.98 -3.49
CA PHE A 231 -1.05 -8.26 -2.69
C PHE A 231 -0.04 -9.10 -3.46
N GLY A 232 -0.51 -10.13 -4.17
CA GLY A 232 0.37 -10.83 -5.09
C GLY A 232 1.10 -9.91 -6.05
N VAL A 233 0.39 -8.93 -6.62
CA VAL A 233 1.05 -8.02 -7.54
C VAL A 233 2.08 -7.18 -6.79
N LEU A 234 1.68 -6.64 -5.64
CA LEU A 234 2.62 -5.91 -4.78
C LEU A 234 3.84 -6.76 -4.46
N LEU A 235 3.62 -8.02 -4.12
CA LEU A 235 4.70 -8.96 -3.87
C LEU A 235 5.66 -9.01 -5.04
N TRP A 236 5.11 -9.14 -6.25
CA TRP A 236 5.95 -9.09 -7.45
C TRP A 236 6.70 -7.77 -7.53
N GLU A 237 6.04 -6.68 -7.13
CA GLU A 237 6.67 -5.37 -7.15
C GLU A 237 7.86 -5.32 -6.20
N ILE A 238 7.69 -5.86 -4.99
CA ILE A 238 8.76 -5.87 -4.00
C ILE A 238 9.98 -6.66 -4.48
N PHE A 239 9.77 -7.89 -4.92
CA PHE A 239 10.91 -8.73 -5.30
C PHE A 239 11.52 -8.36 -6.64
N SER A 240 10.79 -7.66 -7.49
CA SER A 240 11.43 -7.08 -8.67
C SER A 240 12.19 -5.80 -8.33
N LEU A 241 12.12 -5.34 -7.09
CA LEU A 241 12.74 -4.08 -6.66
C LEU A 241 12.20 -2.87 -7.41
N GLY A 242 10.88 -2.79 -7.51
CA GLY A 242 10.21 -1.59 -7.99
C GLY A 242 10.02 -1.52 -9.48
N TYR A 243 9.99 -2.67 -10.17
CA TYR A 243 9.61 -2.69 -11.57
C TYR A 243 8.10 -2.47 -11.71
N MET A 244 7.70 -1.82 -12.80
CA MET A 244 6.29 -1.81 -13.18
C MET A 244 5.79 -3.22 -13.52
N PRO A 245 4.67 -3.66 -12.95
CA PRO A 245 4.05 -4.94 -13.36
C PRO A 245 3.76 -5.01 -14.85
N TYR A 246 3.77 -6.24 -15.39
CA TYR A 246 3.57 -6.52 -16.82
C TYR A 246 4.34 -5.48 -17.65
N PRO A 247 5.66 -5.43 -17.51
CA PRO A 247 6.45 -4.27 -18.00
C PRO A 247 6.26 -3.81 -19.44
N SER A 248 5.96 -4.70 -20.39
CA SER A 248 5.78 -4.27 -21.78
C SER A 248 4.34 -4.26 -22.25
N LYS A 249 3.38 -4.52 -21.38
CA LYS A 249 1.98 -4.55 -21.78
C LYS A 249 1.22 -3.28 -21.42
N SER A 250 0.30 -2.89 -22.30
CA SER A 250 -0.69 -1.87 -22.03
C SER A 250 -1.77 -2.46 -21.12
N ASN A 251 -2.64 -1.59 -20.61
CA ASN A 251 -3.74 -2.06 -19.76
C ASN A 251 -4.59 -3.11 -20.47
N GLN A 252 -4.96 -2.85 -21.73
CA GLN A 252 -5.79 -3.80 -22.47
C GLN A 252 -5.04 -5.09 -22.74
N GLU A 253 -3.75 -5.00 -23.04
CA GLU A 253 -2.94 -6.19 -23.21
C GLU A 253 -2.94 -7.03 -21.94
N VAL A 254 -2.84 -6.36 -20.78
CA VAL A 254 -2.92 -7.05 -19.49
C VAL A 254 -4.29 -7.68 -19.29
N LEU A 255 -5.34 -6.90 -19.55
CA LEU A 255 -6.72 -7.40 -19.36
C LEU A 255 -6.97 -8.67 -20.17
N GLU A 256 -6.58 -8.65 -21.45
CA GLU A 256 -6.69 -9.85 -22.27
C GLU A 256 -5.75 -10.95 -21.79
N PHE A 257 -4.52 -10.57 -21.44
CA PHE A 257 -3.53 -11.51 -20.92
C PHE A 257 -4.02 -12.20 -19.66
N VAL A 258 -4.47 -11.43 -18.68
CA VAL A 258 -4.91 -12.00 -17.40
C VAL A 258 -6.15 -12.85 -17.59
N THR A 259 -7.10 -12.39 -18.43
CA THR A 259 -8.33 -13.14 -18.66
C THR A 259 -8.04 -14.49 -19.31
N SER A 260 -7.14 -14.52 -20.29
CA SER A 260 -6.80 -15.78 -20.96
CA SER A 260 -6.79 -15.77 -20.96
C SER A 260 -5.97 -16.70 -20.09
N GLY A 261 -5.62 -16.30 -18.87
CA GLY A 261 -4.87 -17.12 -17.94
C GLY A 261 -3.41 -16.77 -17.81
N GLY A 262 -2.93 -15.77 -18.54
CA GLY A 262 -1.53 -15.36 -18.42
C GLY A 262 -1.21 -14.75 -17.06
N ARG A 263 -0.03 -15.10 -16.55
CA ARG A 263 0.49 -14.56 -15.30
C ARG A 263 1.93 -14.12 -15.53
N MET A 264 2.38 -13.19 -14.69
CA MET A 264 3.76 -12.73 -14.69
C MET A 264 4.75 -13.86 -14.39
N ASP A 265 5.93 -13.76 -15.01
CA ASP A 265 7.06 -14.60 -14.64
C ASP A 265 7.65 -14.14 -13.30
N PRO A 266 8.45 -14.98 -12.64
CA PRO A 266 9.12 -14.54 -11.40
C PRO A 266 10.04 -13.37 -11.65
N PRO A 267 10.13 -12.44 -10.69
CA PRO A 267 11.19 -11.43 -10.76
C PRO A 267 12.55 -12.11 -10.82
N LYS A 268 13.53 -11.39 -11.35
CA LYS A 268 14.90 -11.90 -11.41
C LYS A 268 15.37 -12.30 -10.01
N ASN A 269 15.87 -13.55 -9.90
CA ASN A 269 16.42 -14.14 -8.69
C ASN A 269 15.38 -14.46 -7.63
N CYS A 270 14.10 -14.37 -7.95
CA CYS A 270 13.07 -14.58 -6.93
C CYS A 270 13.03 -16.04 -6.48
N PRO A 271 13.12 -16.31 -5.18
CA PRO A 271 13.02 -17.70 -4.69
C PRO A 271 11.67 -18.31 -5.01
N GLY A 272 11.69 -19.59 -5.37
CA GLY A 272 10.50 -20.34 -5.68
C GLY A 272 9.37 -20.27 -4.67
N PRO A 273 9.69 -20.46 -3.38
CA PRO A 273 8.63 -20.36 -2.35
C PRO A 273 7.92 -19.03 -2.36
N VAL A 274 8.62 -17.94 -2.69
CA VAL A 274 8.02 -16.63 -2.75
C VAL A 274 7.15 -16.47 -3.98
N TYR A 275 7.66 -16.89 -5.14
CA TYR A 275 6.87 -16.86 -6.37
C TYR A 275 5.59 -17.66 -6.22
N ARG A 276 5.65 -18.80 -5.53
CA ARG A 276 4.45 -19.60 -5.32
C ARG A 276 3.39 -18.83 -4.53
N ILE A 277 3.80 -17.98 -3.59
CA ILE A 277 2.81 -17.14 -2.91
C ILE A 277 2.16 -16.19 -3.91
N MET A 278 2.97 -15.55 -4.77
CA MET A 278 2.41 -14.71 -5.82
C MET A 278 1.42 -15.47 -6.70
N THR A 279 1.79 -16.67 -7.15
CA THR A 279 0.91 -17.41 -8.06
C THR A 279 -0.36 -17.90 -7.36
N GLN A 280 -0.29 -18.22 -6.08
CA GLN A 280 -1.51 -18.56 -5.36
C GLN A 280 -2.39 -17.34 -5.14
N CYS A 281 -1.76 -16.16 -5.04
CA CYS A 281 -2.51 -14.91 -4.96
C CYS A 281 -3.25 -14.61 -6.27
N TRP A 282 -2.73 -15.09 -7.41
CA TRP A 282 -3.32 -14.81 -8.71
C TRP A 282 -4.19 -15.96 -9.25
N GLN A 283 -4.70 -16.83 -8.37
CA GLN A 283 -5.70 -17.82 -8.77
C GLN A 283 -6.93 -17.19 -9.41
N HIS A 284 -7.44 -17.81 -10.48
CA HIS A 284 -8.50 -17.18 -11.26
C HIS A 284 -9.79 -17.01 -10.45
N GLN A 285 -10.20 -18.06 -9.75
CA GLN A 285 -11.32 -17.96 -8.82
C GLN A 285 -10.90 -17.41 -7.47
N PRO A 286 -11.55 -16.33 -7.01
CA PRO A 286 -11.19 -15.72 -5.73
C PRO A 286 -11.21 -16.71 -4.59
N GLU A 287 -12.19 -17.62 -4.61
CA GLU A 287 -12.32 -18.66 -3.61
C GLU A 287 -11.12 -19.59 -3.55
N ASP A 288 -10.29 -19.65 -4.59
CA ASP A 288 -9.07 -20.47 -4.56
C ASP A 288 -7.85 -19.70 -4.06
N ARG A 289 -7.93 -18.36 -3.91
CA ARG A 289 -6.87 -17.51 -3.33
C ARG A 289 -6.81 -17.58 -1.81
N PRO A 290 -5.61 -17.52 -1.24
CA PRO A 290 -5.44 -17.49 0.23
C PRO A 290 -5.98 -16.21 0.83
N ASN A 291 -6.51 -16.32 2.06
CA ASN A 291 -6.70 -15.12 2.86
C ASN A 291 -5.34 -14.61 3.39
N PHE A 292 -5.38 -13.47 4.08
CA PHE A 292 -4.13 -12.85 4.51
C PHE A 292 -3.50 -13.53 5.72
N ALA A 293 -4.29 -14.23 6.53
CA ALA A 293 -3.69 -15.02 7.60
C ALA A 293 -2.80 -16.12 7.03
N ILE A 294 -3.25 -16.73 5.93
CA ILE A 294 -2.52 -17.84 5.32
C ILE A 294 -1.28 -17.30 4.62
N ILE A 295 -1.43 -16.18 3.92
CA ILE A 295 -0.31 -15.51 3.27
C ILE A 295 0.80 -15.16 4.28
N LEU A 296 0.42 -14.59 5.43
CA LEU A 296 1.40 -14.22 6.45
C LEU A 296 2.24 -15.41 6.91
N GLU A 297 1.59 -16.53 7.23
CA GLU A 297 2.27 -17.76 7.61
C GLU A 297 3.21 -18.22 6.53
N ARG A 298 2.78 -18.10 5.26
CA ARG A 298 3.60 -18.56 4.15
C ARG A 298 4.80 -17.64 3.98
N ILE A 299 4.63 -16.34 4.18
CA ILE A 299 5.78 -15.44 4.16
C ILE A 299 6.73 -15.79 5.29
N GLU A 300 6.18 -16.10 6.46
CA GLU A 300 7.02 -16.48 7.59
C GLU A 300 7.79 -17.78 7.34
N TYR A 301 7.14 -18.81 6.76
CA TYR A 301 7.90 -19.99 6.35
C TYR A 301 9.06 -19.58 5.45
N CYS A 302 8.78 -18.69 4.50
CA CYS A 302 9.82 -18.13 3.64
C CYS A 302 10.90 -17.46 4.48
N THR A 303 10.49 -16.77 5.54
CA THR A 303 11.40 -16.07 6.44
C THR A 303 12.30 -17.01 7.24
N GLN A 304 11.91 -18.27 7.44
CA GLN A 304 12.73 -19.21 8.18
C GLN A 304 13.25 -20.36 7.30
N ASP A 305 13.46 -20.08 6.00
CA ASP A 305 14.12 -21.00 5.07
C ASP A 305 15.43 -20.42 4.57
N PRO A 306 16.57 -20.99 4.95
CA PRO A 306 17.86 -20.42 4.51
C PRO A 306 18.04 -20.33 2.99
N ASP A 307 17.52 -21.27 2.19
CA ASP A 307 17.68 -21.13 0.75
C ASP A 307 16.93 -19.91 0.21
N VAL A 308 15.86 -19.48 0.87
CA VAL A 308 15.21 -18.25 0.46
C VAL A 308 16.03 -17.02 0.85
N ILE A 309 16.33 -16.85 2.14
CA ILE A 309 16.93 -15.60 2.57
C ILE A 309 18.41 -15.48 2.21
N ASN A 310 19.08 -16.57 1.87
CA ASN A 310 20.46 -16.47 1.38
C ASN A 310 20.55 -16.24 -0.12
N THR A 311 19.44 -16.09 -0.83
CA THR A 311 19.50 -15.84 -2.25
C THR A 311 19.92 -14.39 -2.46
N ALA A 312 20.98 -14.19 -3.25
CA ALA A 312 21.45 -12.85 -3.56
C ALA A 312 20.49 -12.09 -4.47
N LEU A 313 20.29 -10.81 -4.16
CA LEU A 313 19.58 -9.93 -5.06
C LEU A 313 20.42 -9.56 -6.28
N PRO A 314 19.77 -9.34 -7.42
CA PRO A 314 20.49 -8.93 -8.62
C PRO A 314 20.90 -7.47 -8.53
N ILE A 315 22.04 -7.16 -9.13
CA ILE A 315 22.62 -5.83 -8.96
C ILE A 315 22.52 -5.01 -10.24
#